data_2CI9
#
_entry.id   2CI9
#
_cell.length_a   55.092
_cell.length_b   60.518
_cell.length_c   65.061
_cell.angle_alpha   90.00
_cell.angle_beta   90.00
_cell.angle_gamma   90.00
#
_symmetry.space_group_name_H-M   'P 21 21 21'
#
loop_
_entity.id
_entity.type
_entity.pdbx_description
1 polymer 'CYTOPLASMIC PROTEIN NCK1'
2 polymer 'TRANSLOCATED INTIMIN RECEPTOR'
3 water water
#
loop_
_entity_poly.entity_id
_entity_poly.type
_entity_poly.pdbx_seq_one_letter_code
_entity_poly.pdbx_strand_id
1 'polypeptide(L)'
;GPLGSPWYYGKVTRHQAEMALNERGHEGDFLIRDSESSPNDFSVSLKAQGKNKHFKVQLKETVYCIGQRKFSTMEELVEH
YKKAPIFTSEQGEKLYLVKHLS
;
A,B
2 'polypeptide(L)' EEHI(PTR)DEVAADP L,M
#
# COMPACT_ATOMS: atom_id res chain seq x y z
N GLY A 1 -20.26 2.45 -10.05
N GLY A 1 -22.08 3.60 -10.16
CA GLY A 1 -20.63 3.84 -10.32
C GLY A 1 -19.71 5.05 -10.37
N PRO A 2 -18.40 4.89 -10.16
CA PRO A 2 -17.67 6.16 -10.00
C PRO A 2 -17.48 7.06 -11.25
N LEU A 3 -17.88 8.34 -11.16
CA LEU A 3 -17.57 9.35 -12.19
C LEU A 3 -16.17 9.82 -11.92
N GLY A 4 -15.50 10.28 -12.97
CA GLY A 4 -14.12 10.76 -12.89
C GLY A 4 -13.19 9.68 -12.37
N SER A 5 -13.40 8.45 -12.87
CA SER A 5 -12.64 7.28 -12.44
C SER A 5 -12.38 6.40 -13.64
N PRO A 6 -11.27 6.66 -14.38
CA PRO A 6 -11.00 5.98 -15.66
C PRO A 6 -10.78 4.46 -15.51
N TRP A 7 -10.39 3.99 -14.32
CA TRP A 7 -10.33 2.54 -14.03
C TRP A 7 -11.65 1.81 -14.17
N TYR A 8 -12.79 2.51 -14.03
CA TYR A 8 -14.11 1.88 -14.07
C TYR A 8 -14.61 1.76 -15.50
N TYR A 9 -14.87 0.53 -15.94
CA TYR A 9 -15.40 0.30 -17.25
C TYR A 9 -16.91 0.57 -17.23
N GLY A 10 -17.65 -0.17 -16.39
CA GLY A 10 -19.09 -0.05 -16.38
C GLY A 10 -19.78 -1.19 -15.66
N LYS A 11 -21.09 -1.05 -15.57
CA LYS A 11 -21.97 -2.03 -14.95
C LYS A 11 -22.45 -3.07 -15.94
N VAL A 12 -21.48 -3.74 -16.52
CA VAL A 12 -21.71 -4.88 -17.39
C VAL A 12 -21.70 -6.14 -16.50
N THR A 13 -22.52 -7.13 -16.84
CA THR A 13 -22.57 -8.39 -16.14
C THR A 13 -21.34 -9.21 -16.49
N ARG A 14 -21.14 -10.32 -15.80
CA ARG A 14 -20.03 -11.21 -16.12
C ARG A 14 -20.04 -11.66 -17.58
N HIS A 15 -21.20 -12.14 -18.07
CA HIS A 15 -21.32 -12.60 -19.47
CA HIS A 15 -21.33 -12.60 -19.45
C HIS A 15 -21.09 -11.46 -20.47
N GLN A 16 -21.61 -10.26 -20.17
CA GLN A 16 -21.38 -9.09 -21.01
C GLN A 16 -19.91 -8.71 -21.04
N ALA A 17 -19.21 -8.84 -19.91
CA ALA A 17 -17.76 -8.55 -19.84
C ALA A 17 -16.96 -9.57 -20.64
N GLU A 18 -17.33 -10.85 -20.53
CA GLU A 18 -16.72 -11.90 -21.35
C GLU A 18 -16.86 -11.61 -22.86
N MET A 19 -18.04 -11.16 -23.30
N MET A 19 -18.04 -11.16 -23.30
CA MET A 19 -18.29 -10.84 -24.70
CA MET A 19 -18.25 -10.83 -24.71
C MET A 19 -17.37 -9.73 -25.20
C MET A 19 -17.31 -9.75 -25.18
N ALA A 20 -17.27 -8.65 -24.43
CA ALA A 20 -16.44 -7.49 -24.79
C ALA A 20 -14.95 -7.86 -24.86
N LEU A 21 -14.48 -8.63 -23.88
CA LEU A 21 -13.10 -9.08 -23.86
C LEU A 21 -12.82 -10.00 -25.05
N ASN A 22 -13.71 -10.92 -25.36
CA ASN A 22 -13.52 -11.81 -26.51
C ASN A 22 -13.62 -11.12 -27.84
N GLU A 23 -14.51 -10.12 -27.94
CA GLU A 23 -14.72 -9.39 -29.20
C GLU A 23 -13.59 -8.44 -29.54
N ARG A 24 -13.07 -7.71 -28.55
CA ARG A 24 -12.07 -6.64 -28.79
C ARG A 24 -10.79 -6.74 -28.01
N GLY A 25 -10.71 -7.66 -27.06
CA GLY A 25 -9.56 -7.78 -26.19
C GLY A 25 -8.47 -8.70 -26.70
N HIS A 26 -7.26 -8.36 -26.24
CA HIS A 26 -6.04 -9.16 -26.40
C HIS A 26 -5.55 -9.66 -25.05
N GLU A 27 -4.72 -10.69 -25.06
CA GLU A 27 -4.21 -11.28 -23.83
C GLU A 27 -3.70 -10.19 -22.88
N GLY A 28 -4.22 -10.14 -21.65
CA GLY A 28 -3.77 -9.13 -20.67
C GLY A 28 -4.67 -7.91 -20.57
N ASP A 29 -5.55 -7.73 -21.54
CA ASP A 29 -6.54 -6.68 -21.48
C ASP A 29 -7.54 -7.05 -20.39
N PHE A 30 -8.03 -6.07 -19.67
CA PHE A 30 -8.95 -6.34 -18.59
C PHE A 30 -9.92 -5.18 -18.42
N LEU A 31 -11.00 -5.42 -17.69
CA LEU A 31 -11.93 -4.35 -17.39
C LEU A 31 -12.36 -4.51 -15.95
N ILE A 32 -12.72 -3.39 -15.33
CA ILE A 32 -13.19 -3.40 -13.95
C ILE A 32 -14.67 -2.98 -13.95
N ARG A 33 -15.50 -3.87 -13.40
CA ARG A 33 -16.97 -3.75 -13.38
C ARG A 33 -17.51 -3.96 -11.98
N ASP A 34 -18.74 -3.52 -11.77
N ASP A 34 -18.75 -3.51 -11.76
CA ASP A 34 -19.40 -3.83 -10.51
CA ASP A 34 -19.45 -3.80 -10.50
C ASP A 34 -19.46 -5.35 -10.39
C ASP A 34 -19.60 -5.32 -10.37
N SER A 35 -19.36 -5.86 -9.17
CA SER A 35 -19.60 -7.28 -8.94
C SER A 35 -21.09 -7.57 -9.00
N GLU A 36 -21.48 -8.63 -9.70
CA GLU A 36 -22.87 -9.07 -9.72
C GLU A 36 -23.31 -9.74 -8.43
N SER A 37 -22.45 -10.58 -7.88
CA SER A 37 -22.81 -11.37 -6.68
C SER A 37 -22.51 -10.69 -5.34
N SER A 38 -21.71 -9.63 -5.36
CA SER A 38 -21.46 -8.78 -4.19
C SER A 38 -21.53 -7.32 -4.70
N PRO A 39 -22.76 -6.78 -4.93
CA PRO A 39 -22.90 -5.45 -5.56
C PRO A 39 -22.15 -4.20 -5.07
N ASN A 40 -21.69 -4.15 -3.82
CA ASN A 40 -20.84 -3.02 -3.37
C ASN A 40 -19.36 -3.20 -3.71
N ASP A 41 -19.02 -4.36 -4.24
CA ASP A 41 -17.65 -4.68 -4.60
C ASP A 41 -17.48 -4.66 -6.09
N PHE A 42 -16.28 -5.00 -6.52
CA PHE A 42 -15.92 -4.92 -7.94
C PHE A 42 -15.30 -6.22 -8.40
N SER A 43 -15.27 -6.41 -9.71
CA SER A 43 -14.65 -7.57 -10.32
C SER A 43 -13.70 -7.13 -11.41
N VAL A 44 -12.51 -7.71 -11.42
CA VAL A 44 -11.51 -7.52 -12.45
C VAL A 44 -11.69 -8.69 -13.40
N SER A 45 -12.06 -8.44 -14.64
CA SER A 45 -12.28 -9.44 -15.67
C SER A 45 -11.15 -9.34 -16.68
N LEU A 46 -10.41 -10.44 -16.83
CA LEU A 46 -9.16 -10.52 -17.60
C LEU A 46 -9.26 -11.43 -18.78
N LYS A 47 -8.81 -10.92 -19.93
CA LYS A 47 -8.74 -11.74 -21.13
C LYS A 47 -7.54 -12.66 -21.01
N ALA A 48 -7.82 -13.96 -21.07
CA ALA A 48 -6.81 -15.01 -20.96
C ALA A 48 -7.15 -16.17 -21.89
N GLN A 49 -6.11 -16.85 -22.38
CA GLN A 49 -6.27 -17.98 -23.32
C GLN A 49 -7.05 -19.10 -22.65
N GLY A 50 -7.92 -19.77 -23.42
CA GLY A 50 -8.73 -20.85 -22.91
C GLY A 50 -9.99 -20.31 -22.25
N LYS A 51 -9.84 -19.82 -21.03
CA LYS A 51 -10.94 -19.29 -20.22
C LYS A 51 -10.55 -17.97 -19.55
N ASN A 52 -11.42 -16.96 -19.66
CA ASN A 52 -11.17 -15.66 -19.05
C ASN A 52 -11.24 -15.78 -17.55
N LYS A 53 -10.60 -14.84 -16.86
CA LYS A 53 -10.49 -14.91 -15.40
C LYS A 53 -11.26 -13.76 -14.78
N HIS A 54 -11.76 -13.97 -13.57
CA HIS A 54 -12.49 -12.95 -12.84
C HIS A 54 -12.01 -12.93 -11.42
N PHE A 55 -11.60 -11.77 -10.94
CA PHE A 55 -11.05 -11.66 -9.59
C PHE A 55 -11.85 -10.66 -8.77
N LYS A 56 -12.09 -11.01 -7.51
CA LYS A 56 -12.85 -10.19 -6.60
C LYS A 56 -12.01 -9.09 -5.98
N VAL A 57 -12.53 -7.86 -6.01
CA VAL A 57 -11.95 -6.72 -5.28
C VAL A 57 -13.00 -6.20 -4.31
N GLN A 58 -12.74 -6.30 -3.01
CA GLN A 58 -13.65 -5.78 -2.02
CA GLN A 58 -13.64 -5.80 -1.99
C GLN A 58 -13.27 -4.35 -1.67
N LEU A 59 -14.26 -3.45 -1.57
CA LEU A 59 -13.99 -2.10 -1.11
C LEU A 59 -14.47 -2.05 0.34
N LYS A 60 -13.52 -1.98 1.27
CA LYS A 60 -13.80 -1.95 2.71
C LYS A 60 -13.24 -0.68 3.33
N GLU A 61 -14.11 0.27 3.72
CA GLU A 61 -13.64 1.47 4.47
C GLU A 61 -12.49 2.17 3.74
N THR A 62 -12.76 2.47 2.48
CA THR A 62 -11.86 3.12 1.51
C THR A 62 -10.74 2.27 0.92
N VAL A 63 -10.50 1.06 1.45
CA VAL A 63 -9.38 0.21 1.06
C VAL A 63 -9.83 -0.83 0.05
N TYR A 64 -9.06 -0.99 -1.03
CA TYR A 64 -9.31 -1.96 -2.09
C TYR A 64 -8.55 -3.24 -1.75
N CYS A 65 -9.28 -4.33 -1.52
CA CYS A 65 -8.77 -5.60 -0.98
C CYS A 65 -8.87 -6.69 -2.01
N ILE A 66 -7.75 -7.29 -2.38
CA ILE A 66 -7.68 -8.38 -3.38
C ILE A 66 -6.70 -9.41 -2.83
N GLY A 67 -7.12 -10.66 -2.75
CA GLY A 67 -6.31 -11.68 -2.12
C GLY A 67 -5.96 -11.20 -0.72
N GLN A 68 -4.67 -11.23 -0.37
CA GLN A 68 -4.22 -10.74 0.93
C GLN A 68 -3.64 -9.34 0.87
N ARG A 69 -3.77 -8.68 -0.26
CA ARG A 69 -3.22 -7.35 -0.49
C ARG A 69 -4.27 -6.26 -0.29
N LYS A 70 -3.80 -5.08 0.08
CA LYS A 70 -4.63 -3.88 0.33
C LYS A 70 -4.01 -2.69 -0.37
N PHE A 71 -4.87 -1.88 -1.02
CA PHE A 71 -4.47 -0.69 -1.77
C PHE A 71 -5.34 0.49 -1.46
N SER A 72 -4.78 1.67 -1.41
CA SER A 72 -5.56 2.85 -1.04
C SER A 72 -6.49 3.28 -2.16
N THR A 73 -6.17 2.94 -3.41
CA THR A 73 -6.98 3.28 -4.58
C THR A 73 -6.99 2.15 -5.59
N MET A 74 -8.01 2.11 -6.46
CA MET A 74 -8.06 1.08 -7.49
C MET A 74 -6.88 1.25 -8.46
N GLU A 75 -6.47 2.49 -8.68
CA GLU A 75 -5.32 2.73 -9.56
C GLU A 75 -4.04 2.04 -9.07
N GLU A 76 -3.78 2.08 -7.77
CA GLU A 76 -2.58 1.44 -7.24
C GLU A 76 -2.70 -0.05 -7.30
N LEU A 77 -3.91 -0.59 -7.11
CA LEU A 77 -4.13 -2.04 -7.27
C LEU A 77 -3.73 -2.45 -8.69
N VAL A 78 -4.22 -1.71 -9.69
CA VAL A 78 -3.90 -2.01 -11.09
C VAL A 78 -2.40 -1.90 -11.37
N GLU A 79 -1.74 -0.85 -10.87
CA GLU A 79 -0.33 -0.70 -11.10
C GLU A 79 0.45 -1.86 -10.50
N HIS A 80 0.07 -2.36 -9.33
CA HIS A 80 0.77 -3.49 -8.74
C HIS A 80 0.74 -4.75 -9.63
N TYR A 81 -0.44 -5.07 -10.14
CA TYR A 81 -0.65 -6.24 -11.00
C TYR A 81 -0.28 -6.12 -12.47
N LYS A 82 0.25 -4.95 -12.84
CA LYS A 82 0.95 -4.83 -14.09
C LYS A 82 2.35 -5.46 -14.01
N LYS A 83 2.97 -5.48 -12.82
CA LYS A 83 4.35 -5.96 -12.64
CA LYS A 83 4.35 -5.94 -12.64
C LYS A 83 4.50 -7.20 -11.77
N ALA A 84 3.48 -7.53 -11.00
CA ALA A 84 3.45 -8.74 -10.21
C ALA A 84 2.25 -9.56 -10.73
N PRO A 85 2.41 -10.89 -10.80
CA PRO A 85 1.29 -11.66 -11.34
C PRO A 85 0.00 -11.58 -10.54
N ILE A 86 -1.11 -11.46 -11.25
CA ILE A 86 -2.44 -11.53 -10.64
C ILE A 86 -2.88 -13.00 -10.58
N PHE A 87 -2.27 -13.87 -11.37
CA PHE A 87 -2.58 -15.29 -11.36
C PHE A 87 -1.32 -16.10 -11.69
N THR A 88 -1.12 -17.18 -10.94
CA THR A 88 -0.03 -18.13 -11.17
CA THR A 88 -0.03 -18.13 -11.17
C THR A 88 -0.59 -19.53 -11.07
N SER A 89 -0.30 -20.38 -12.05
N SER A 89 -0.29 -20.37 -12.06
CA SER A 89 -0.75 -21.77 -12.05
CA SER A 89 -0.72 -21.77 -12.07
C SER A 89 0.22 -22.60 -11.22
C SER A 89 0.22 -22.60 -11.22
N GLU A 90 -0.18 -23.83 -10.93
CA GLU A 90 0.69 -24.78 -10.20
C GLU A 90 1.87 -25.25 -11.09
N GLN A 91 1.74 -25.11 -12.41
CA GLN A 91 2.81 -25.41 -13.39
C GLN A 91 3.59 -24.16 -13.83
N GLY A 92 3.36 -23.02 -13.17
CA GLY A 92 4.16 -21.80 -13.35
C GLY A 92 3.77 -20.73 -14.35
N GLU A 93 2.62 -20.89 -15.02
CA GLU A 93 2.15 -19.88 -15.97
CA GLU A 93 2.11 -19.89 -15.97
C GLU A 93 1.63 -18.67 -15.18
N LYS A 94 2.18 -17.50 -15.49
CA LYS A 94 1.85 -16.24 -14.82
C LYS A 94 1.10 -15.31 -15.75
N LEU A 95 0.07 -14.67 -15.22
CA LEU A 95 -0.75 -13.68 -15.94
C LEU A 95 -0.64 -12.33 -15.25
N TYR A 96 -0.53 -11.27 -16.04
CA TYR A 96 -0.45 -9.89 -15.57
C TYR A 96 -1.54 -9.07 -16.21
N LEU A 97 -1.84 -7.96 -15.57
CA LEU A 97 -2.68 -6.96 -16.20
C LEU A 97 -1.83 -6.16 -17.17
N VAL A 98 -2.35 -5.89 -18.37
CA VAL A 98 -1.64 -5.05 -19.34
C VAL A 98 -2.26 -3.66 -19.49
N LYS A 99 -3.46 -3.60 -20.02
CA LYS A 99 -4.18 -2.33 -20.09
C LYS A 99 -5.70 -2.53 -20.02
N HIS A 100 -6.38 -1.45 -19.66
CA HIS A 100 -7.82 -1.40 -19.62
C HIS A 100 -8.40 -1.49 -21.05
N LEU A 101 -9.45 -2.28 -21.19
CA LEU A 101 -10.24 -2.34 -22.42
C LEU A 101 -10.98 -1.01 -22.57
N SER A 102 -10.99 -0.47 -23.79
N SER A 102 -10.95 -0.45 -23.79
CA SER A 102 -11.72 0.79 -24.11
CA SER A 102 -11.51 0.90 -24.04
C SER A 102 -13.20 0.54 -24.33
C SER A 102 -13.03 0.99 -24.08
C PRO B 2 2.54 23.84 7.00
N LEU B 3 2.69 25.03 6.42
CA LEU B 3 3.93 25.36 5.72
C LEU B 3 5.12 25.24 6.68
N GLY B 4 6.17 24.55 6.22
CA GLY B 4 7.41 24.38 6.97
C GLY B 4 7.64 23.03 7.62
N SER B 5 6.58 22.22 7.69
CA SER B 5 6.62 20.89 8.34
C SER B 5 6.10 19.79 7.39
N PRO B 6 6.71 19.66 6.18
CA PRO B 6 6.14 18.74 5.19
C PRO B 6 6.12 17.26 5.56
N TRP B 7 6.99 16.87 6.50
CA TRP B 7 6.97 15.52 7.10
C TRP B 7 5.82 15.27 8.05
N TYR B 8 5.16 16.31 8.56
CA TYR B 8 4.04 16.11 9.48
C TYR B 8 2.76 15.83 8.74
N TYR B 9 2.24 14.62 8.91
CA TYR B 9 1.00 14.16 8.28
C TYR B 9 -0.23 14.23 9.19
N GLY B 10 -0.06 14.61 10.46
CA GLY B 10 -1.22 14.72 11.37
C GLY B 10 -1.92 13.40 11.62
N LYS B 11 -3.24 13.40 11.60
CA LYS B 11 -4.02 12.23 11.92
C LYS B 11 -4.21 11.32 10.72
N VAL B 12 -3.17 10.51 10.53
CA VAL B 12 -3.15 9.43 9.54
CA VAL B 12 -3.17 9.43 9.56
C VAL B 12 -2.91 8.17 10.38
N THR B 13 -3.66 7.11 10.12
CA THR B 13 -3.52 5.87 10.90
C THR B 13 -2.24 5.11 10.51
N ARG B 14 -1.86 4.11 11.30
CA ARG B 14 -0.71 3.27 10.97
C ARG B 14 -0.91 2.68 9.59
N HIS B 15 -2.08 2.12 9.34
CA HIS B 15 -2.33 1.51 8.03
C HIS B 15 -2.34 2.52 6.85
N GLN B 16 -2.92 3.68 7.05
CA GLN B 16 -2.84 4.71 6.03
C GLN B 16 -1.39 5.08 5.74
N ALA B 17 -0.57 5.18 6.77
CA ALA B 17 0.86 5.47 6.57
C ALA B 17 1.57 4.35 5.81
N GLU B 18 1.28 3.10 6.19
CA GLU B 18 1.82 1.93 5.52
CA GLU B 18 1.89 1.97 5.50
C GLU B 18 1.54 1.95 4.01
N MET B 19 0.25 2.18 3.68
CA MET B 19 -0.17 2.21 2.29
C MET B 19 0.57 3.30 1.51
N ALA B 20 0.65 4.50 2.09
CA ALA B 20 1.30 5.62 1.43
C ALA B 20 2.79 5.33 1.22
N LEU B 21 3.49 4.85 2.24
CA LEU B 21 4.90 4.51 2.13
C LEU B 21 5.12 3.43 1.08
N ASN B 22 4.27 2.41 1.08
CA ASN B 22 4.42 1.30 0.12
C ASN B 22 4.08 1.68 -1.32
N GLU B 23 3.05 2.51 -1.50
CA GLU B 23 2.64 2.89 -2.83
C GLU B 23 3.48 3.97 -3.47
N ARG B 24 4.03 4.91 -2.70
CA ARG B 24 4.84 5.96 -3.34
C ARG B 24 6.18 6.26 -2.70
N GLY B 25 6.54 5.53 -1.66
CA GLY B 25 7.77 5.82 -0.92
C GLY B 25 9.00 5.15 -1.50
N HIS B 26 10.16 5.80 -1.31
N HIS B 26 10.08 5.88 -1.49
CA HIS B 26 11.53 5.36 -1.70
CA HIS B 26 11.32 5.28 -1.74
C HIS B 26 12.34 5.07 -0.40
C HIS B 26 12.02 5.31 -0.41
N GLU B 27 13.49 4.34 -0.45
N GLU B 27 13.02 4.43 -0.37
CA GLU B 27 14.27 4.13 0.80
CA GLU B 27 13.85 4.18 0.82
C GLU B 27 14.56 5.50 1.43
C GLU B 27 14.39 5.49 1.39
N GLY B 28 14.27 5.64 2.72
CA GLY B 28 14.61 6.88 3.42
C GLY B 28 13.46 7.85 3.55
N ASP B 29 12.35 7.61 2.82
CA ASP B 29 11.19 8.50 2.94
C ASP B 29 10.50 8.25 4.28
N PHE B 30 10.04 9.32 4.90
CA PHE B 30 9.37 9.18 6.21
C PHE B 30 8.27 10.22 6.40
N LEU B 31 7.50 9.99 7.46
CA LEU B 31 6.48 10.91 7.90
C LEU B 31 6.35 10.79 9.41
N ILE B 32 5.85 11.86 10.02
CA ILE B 32 5.52 11.88 11.43
C ILE B 32 4.01 12.08 11.50
N ARG B 33 3.35 11.23 12.26
CA ARG B 33 1.90 11.22 12.39
C ARG B 33 1.51 11.20 13.86
N ASP B 34 0.30 11.65 14.14
CA ASP B 34 -0.28 11.53 15.48
C ASP B 34 -0.40 10.04 15.70
N SER B 35 -0.01 9.55 16.87
CA SER B 35 -0.10 8.10 17.15
C SER B 35 -1.55 7.63 17.17
N GLU B 36 -1.76 6.41 16.63
CA GLU B 36 -3.09 5.81 16.57
C GLU B 36 -3.46 5.11 17.86
N SER B 37 -2.60 4.22 18.32
CA SER B 37 -2.84 3.46 19.54
C SER B 37 -2.72 4.29 20.82
N SER B 38 -1.95 5.37 20.76
CA SER B 38 -1.72 6.26 21.90
C SER B 38 -1.84 7.71 21.44
N PRO B 39 -3.08 8.21 21.32
CA PRO B 39 -3.28 9.55 20.74
C PRO B 39 -2.59 10.77 21.31
N ASN B 40 -2.09 10.70 22.55
CA ASN B 40 -1.24 11.77 23.11
C ASN B 40 0.17 11.79 22.48
N ASP B 41 0.59 10.67 21.86
CA ASP B 41 1.96 10.46 21.34
C ASP B 41 2.03 10.72 19.84
N PHE B 42 3.24 10.67 19.28
CA PHE B 42 3.47 10.75 17.83
C PHE B 42 4.20 9.48 17.38
N SER B 43 4.14 9.21 16.07
CA SER B 43 4.83 8.06 15.48
C SER B 43 5.62 8.48 14.28
N VAL B 44 6.88 8.05 14.19
CA VAL B 44 7.71 8.25 13.01
C VAL B 44 7.58 6.97 12.18
N SER B 45 7.11 7.08 10.93
CA SER B 45 6.95 5.93 10.03
C SER B 45 7.93 6.10 8.87
N LEU B 46 8.76 5.08 8.65
CA LEU B 46 9.90 5.09 7.70
C LEU B 46 9.81 3.97 6.70
N LYS B 47 9.92 4.29 5.41
CA LYS B 47 9.99 3.27 4.37
C LYS B 47 11.24 2.40 4.55
N ALA B 48 11.04 1.09 4.57
CA ALA B 48 12.12 0.11 4.69
C ALA B 48 11.78 -1.16 3.91
N GLN B 49 12.79 -1.96 3.55
CA GLN B 49 12.56 -3.21 2.83
C GLN B 49 11.81 -4.24 3.67
N GLY B 50 10.88 -4.95 3.03
CA GLY B 50 10.11 -5.98 3.70
C GLY B 50 8.97 -5.41 4.50
N LYS B 51 9.32 -4.73 5.59
CA LYS B 51 8.34 -4.13 6.46
C LYS B 51 8.77 -2.72 6.88
N ASN B 52 7.86 -1.78 6.81
CA ASN B 52 8.16 -0.40 7.22
C ASN B 52 8.37 -0.32 8.74
N LYS B 53 9.08 0.72 9.18
CA LYS B 53 9.41 0.89 10.61
C LYS B 53 8.54 1.95 11.21
N HIS B 54 8.21 1.80 12.49
CA HIS B 54 7.40 2.78 13.24
C HIS B 54 8.06 2.98 14.58
N PHE B 55 8.38 4.22 14.91
CA PHE B 55 9.09 4.56 16.18
C PHE B 55 8.20 5.48 17.03
N LYS B 56 8.13 5.21 18.33
CA LYS B 56 7.34 6.00 19.26
C LYS B 56 8.04 7.28 19.71
N VAL B 57 7.32 8.42 19.65
CA VAL B 57 7.75 9.70 20.22
C VAL B 57 6.74 10.14 21.28
N GLN B 58 7.18 10.34 22.53
CA GLN B 58 6.33 10.75 23.65
C GLN B 58 6.67 12.20 23.95
N LEU B 59 5.64 13.01 24.13
CA LEU B 59 5.80 14.43 24.49
C LEU B 59 5.63 14.49 26.01
N LYS B 60 6.74 14.66 26.72
CA LYS B 60 6.75 14.66 28.18
C LYS B 60 7.54 15.86 28.70
N GLU B 61 6.91 16.63 29.60
CA GLU B 61 7.51 17.85 30.17
C GLU B 61 8.07 18.77 29.08
N THR B 62 7.26 18.95 28.03
CA THR B 62 7.57 19.74 26.84
C THR B 62 8.61 19.18 25.83
N VAL B 63 9.40 18.16 26.21
CA VAL B 63 10.45 17.61 25.31
CA VAL B 63 10.46 17.59 25.35
C VAL B 63 9.97 16.36 24.57
N TYR B 64 10.51 16.14 23.37
CA TYR B 64 10.15 14.99 22.52
C TYR B 64 11.12 13.86 22.81
N CYS B 65 10.60 12.75 23.34
CA CYS B 65 11.38 11.62 23.80
C CYS B 65 11.25 10.48 22.80
N ILE B 66 12.38 10.03 22.27
CA ILE B 66 12.47 8.90 21.33
C ILE B 66 13.71 8.08 21.75
N GLY B 67 13.53 6.76 21.90
CA GLY B 67 14.59 5.89 22.41
C GLY B 67 15.09 6.45 23.73
N GLN B 68 16.42 6.54 23.87
CA GLN B 68 17.09 7.13 25.03
CA GLN B 68 17.05 7.14 25.07
C GLN B 68 17.40 8.62 24.88
N ARG B 69 16.90 9.25 23.81
CA ARG B 69 17.12 10.67 23.52
C ARG B 69 15.93 11.56 23.85
N LYS B 70 16.23 12.84 24.10
CA LYS B 70 15.23 13.89 24.36
C LYS B 70 15.54 15.09 23.46
N PHE B 71 14.49 15.68 22.87
CA PHE B 71 14.61 16.81 21.93
C PHE B 71 13.64 17.94 22.24
N SER B 72 14.16 19.16 22.22
CA SER B 72 13.36 20.36 22.51
C SER B 72 12.22 20.54 21.52
N THR B 73 12.46 20.20 20.24
CA THR B 73 11.46 20.32 19.16
CA THR B 73 11.47 20.34 19.16
C THR B 73 11.47 19.09 18.25
N MET B 74 10.35 18.83 17.59
CA MET B 74 10.24 17.73 16.64
C MET B 74 11.21 17.94 15.46
N GLU B 75 11.39 19.19 15.03
N GLU B 75 11.41 19.20 15.06
CA GLU B 75 12.35 19.58 13.97
CA GLU B 75 12.32 19.59 13.98
C GLU B 75 13.77 19.10 14.29
C GLU B 75 13.75 19.12 14.29
N GLU B 76 14.19 19.33 15.53
CA GLU B 76 15.52 18.87 16.01
C GLU B 76 15.62 17.35 16.06
N LEU B 77 14.53 16.67 16.43
CA LEU B 77 14.48 15.20 16.38
C LEU B 77 14.70 14.72 14.95
N VAL B 78 14.06 15.36 13.98
CA VAL B 78 14.18 15.01 12.57
C VAL B 78 15.59 15.26 12.02
N GLU B 79 16.18 16.41 12.33
CA GLU B 79 17.54 16.71 11.86
C GLU B 79 18.56 15.77 12.49
N HIS B 80 18.38 15.41 13.76
CA HIS B 80 19.25 14.45 14.41
C HIS B 80 19.31 13.12 13.66
N TYR B 81 18.15 12.57 13.28
CA TYR B 81 18.07 11.27 12.61
C TYR B 81 18.31 11.26 11.09
N LYS B 82 18.61 12.43 10.52
CA LYS B 82 19.20 12.51 9.17
C LYS B 82 20.72 12.24 9.20
N LYS B 83 21.34 12.46 10.37
CA LYS B 83 22.79 12.36 10.58
C LYS B 83 23.23 11.14 11.39
N ALA B 84 22.41 10.75 12.38
CA ALA B 84 22.61 9.58 13.22
C ALA B 84 21.54 8.54 12.88
N PRO B 85 21.89 7.23 12.88
CA PRO B 85 20.88 6.26 12.46
C PRO B 85 19.68 6.19 13.43
N ILE B 86 18.51 6.00 12.87
CA ILE B 86 17.31 5.79 13.68
C ILE B 86 17.10 4.30 13.87
N PHE B 87 17.68 3.45 13.00
CA PHE B 87 17.56 2.00 13.12
C PHE B 87 18.77 1.28 12.59
N THR B 88 19.09 0.18 13.29
CA THR B 88 20.18 -0.71 12.90
CA THR B 88 20.23 -0.69 12.97
C THR B 88 19.86 -2.16 13.20
N SER B 89 20.56 -3.03 12.48
CA SER B 89 20.47 -4.49 12.62
C SER B 89 21.90 -5.00 12.53
N GLU B 90 22.09 -6.29 12.80
CA GLU B 90 23.40 -6.94 12.69
C GLU B 90 23.69 -7.51 11.31
N GLN B 91 22.76 -7.35 10.35
CA GLN B 91 22.90 -7.91 9.01
C GLN B 91 22.60 -7.01 7.77
N GLY B 92 22.95 -5.71 7.75
CA GLY B 92 23.57 -4.90 8.80
C GLY B 92 23.01 -3.51 8.53
N GLU B 93 21.70 -3.37 8.73
N GLU B 93 21.69 -3.38 8.70
CA GLU B 93 20.95 -2.15 8.40
CA GLU B 93 20.92 -2.14 8.41
C GLU B 93 21.43 -0.91 9.14
C GLU B 93 21.44 -0.90 9.14
N LYS B 94 21.31 0.24 8.48
CA LYS B 94 21.70 1.55 9.06
C LYS B 94 20.82 2.58 8.35
N LEU B 95 19.69 2.89 8.98
CA LEU B 95 18.63 3.68 8.38
C LEU B 95 18.54 5.05 8.94
N TYR B 96 18.51 6.03 8.03
CA TYR B 96 18.39 7.44 8.37
C TYR B 96 17.07 7.95 7.84
N LEU B 97 16.58 9.03 8.45
CA LEU B 97 15.48 9.81 7.87
C LEU B 97 16.20 10.52 6.72
N VAL B 98 15.58 10.54 5.54
CA VAL B 98 16.21 11.17 4.37
C VAL B 98 15.38 12.37 3.93
N LYS B 99 14.15 12.12 3.51
CA LYS B 99 13.25 13.20 3.11
C LYS B 99 11.82 12.81 3.41
N HIS B 100 10.98 13.80 3.58
CA HIS B 100 9.56 13.55 3.80
C HIS B 100 8.93 12.81 2.61
N LEU B 101 8.01 11.91 2.91
CA LEU B 101 7.24 11.22 1.89
C LEU B 101 6.42 12.29 1.18
N SER B 102 6.47 12.34 -0.14
N SER B 102 6.54 12.37 -0.14
CA SER B 102 5.72 13.36 -0.92
CA SER B 102 5.80 13.36 -0.95
C SER B 102 4.26 13.56 -0.50
C SER B 102 4.29 13.06 -1.06
N HIS C 3 -21.30 -18.27 -10.16
CA HIS C 3 -20.13 -17.36 -10.34
C HIS C 3 -19.02 -17.69 -9.39
N ILE C 4 -18.03 -18.42 -9.90
CA ILE C 4 -16.86 -18.78 -9.12
CA ILE C 4 -16.85 -18.78 -9.12
C ILE C 4 -15.76 -17.80 -9.53
N PTR C 5 -15.06 -17.24 -8.54
CA PTR C 5 -13.93 -16.34 -8.77
C PTR C 5 -12.59 -17.08 -8.73
O PTR C 5 -12.38 -17.98 -7.94
CB PTR C 5 -13.94 -15.13 -7.81
CG PTR C 5 -15.08 -14.17 -8.11
CD1 PTR C 5 -16.36 -14.38 -7.59
CD2 PTR C 5 -14.88 -13.03 -8.89
CE1 PTR C 5 -17.41 -13.51 -7.85
CE2 PTR C 5 -15.91 -12.15 -9.19
CZ PTR C 5 -17.19 -12.39 -8.67
OH PTR C 5 -18.15 -11.58 -8.90
P PTR C 5 -19.06 -11.53 -10.25
O1P PTR C 5 -20.36 -12.12 -9.85
O2P PTR C 5 -18.37 -12.26 -11.39
O3P PTR C 5 -19.23 -10.04 -10.52
N ASP C 6 -11.69 -16.68 -9.62
CA ASP C 6 -10.34 -17.22 -9.72
C ASP C 6 -9.48 -16.73 -8.56
N GLU C 7 -8.56 -17.58 -8.08
N GLU C 7 -8.56 -17.57 -8.09
CA GLU C 7 -7.69 -17.25 -6.96
CA GLU C 7 -7.71 -17.24 -6.96
C GLU C 7 -6.59 -16.29 -7.41
C GLU C 7 -6.56 -16.32 -7.38
N VAL C 8 -6.40 -15.23 -6.64
CA VAL C 8 -5.34 -14.28 -6.85
C VAL C 8 -3.99 -14.95 -6.44
N ALA C 9 -2.94 -14.70 -7.22
CA ALA C 9 -1.60 -15.22 -6.95
C ALA C 9 -1.21 -14.90 -5.50
N ALA C 10 -0.62 -15.90 -4.84
CA ALA C 10 -0.26 -15.79 -3.42
C ALA C 10 0.72 -14.66 -3.13
N ASP C 11 0.62 -14.11 -1.92
CA ASP C 11 1.55 -13.06 -1.47
C ASP C 11 1.65 -13.08 0.07
N GLU D 1 -1.51 -4.92 23.30
CA GLU D 1 -1.47 -3.98 22.13
C GLU D 1 -0.83 -4.65 20.91
N GLU D 2 -1.56 -4.65 19.79
CA GLU D 2 -1.06 -5.30 18.59
C GLU D 2 -0.09 -4.41 17.82
N HIS D 3 -0.16 -3.08 18.00
CA HIS D 3 0.79 -2.16 17.36
C HIS D 3 2.11 -2.17 18.10
N ILE D 4 3.11 -2.79 17.47
CA ILE D 4 4.45 -2.90 18.02
C ILE D 4 5.28 -1.82 17.35
N PTR D 5 6.09 -1.15 18.15
CA PTR D 5 7.02 -0.14 17.71
C PTR D 5 8.43 -0.70 17.72
O PTR D 5 8.82 -1.44 18.65
CB PTR D 5 6.84 1.10 18.58
CG PTR D 5 5.53 1.81 18.34
CD1 PTR D 5 4.38 1.48 19.06
CD2 PTR D 5 5.43 2.78 17.35
CE1 PTR D 5 3.18 2.13 18.85
CE2 PTR D 5 4.24 3.45 17.14
CZ PTR D 5 3.10 3.09 17.87
OH PTR D 5 1.97 3.71 17.72
P PTR D 5 0.96 3.68 16.43
O1P PTR D 5 -0.32 3.03 16.84
O2P PTR D 5 1.66 3.00 15.30
O3P PTR D 5 0.72 5.14 16.06
N ASP D 6 9.17 -0.39 16.67
CA ASP D 6 10.55 -0.85 16.50
C ASP D 6 11.49 -0.09 17.42
N GLU D 7 12.61 -0.75 17.73
CA GLU D 7 13.58 -0.20 18.67
C GLU D 7 14.42 0.87 17.98
N VAL D 8 14.57 2.01 18.63
CA VAL D 8 15.39 3.11 18.12
C VAL D 8 16.86 2.81 18.35
N ALA D 9 17.73 3.02 17.35
CA ALA D 9 19.16 2.73 17.47
C ALA D 9 19.82 3.57 18.56
N ALA D 10 20.85 3.02 19.21
CA ALA D 10 21.63 3.77 20.15
C ALA D 10 22.47 4.77 19.36
N ASP D 11 22.98 5.78 20.08
CA ASP D 11 23.97 6.72 19.50
C ASP D 11 25.17 5.92 19.02
N PRO D 12 25.77 6.30 17.87
CA PRO D 12 26.99 5.62 17.42
C PRO D 12 28.05 5.50 18.50
#